data_4K26
#
_entry.id   4K26
#
_cell.length_a   133.864
_cell.length_b   137.333
_cell.length_c   70.557
_cell.angle_alpha   90.00
_cell.angle_beta   90.00
_cell.angle_gamma   90.00
#
_symmetry.space_group_name_H-M   'C 2 2 21'
#
loop_
_entity.id
_entity.type
_entity.pdbx_description
1 polymer 'Corticosteroid 11-beta-dehydrogenase isozyme 1'
2 non-polymer '(4aS,8aR)-N-cyclohexyl-4a,5,6,7,8,8a-hexahydro-4,1,2-benzoxathiazin-3-amine 1,1-dioxide'
3 non-polymer 'SULFATE ION'
4 non-polymer 'NADPH DIHYDRO-NICOTINAMIDE-ADENINE-DINUCLEOTIDE PHOSPHATE'
5 water water
#
_entity_poly.entity_id   1
_entity_poly.type   'polypeptide(L)'
_entity_poly.pdbx_seq_one_letter_code
;MHHHHHHNEEFRPEMLQGKKVIVTGASKGIGREMAYHLSKMGAHVVLTARSEEGLQKVVSRCLELGAASAHYIAGTMEDM
TFAEQFIVKAGKLMGGLDMLILNHITQTSLSLFHDDIHSVRRVMEVNFLSYVVMSTAALPMLKQSNGSIAVISSLAGKMT
QPMIAPYSASKFALDGFFSTIRTELYITKVNVSITLCVLGLIDTETAMKEISGIINAQASPKEECALEIIKGTALRKSEV
YYDKSPLTPILLGNPGRKIMEFFSLRYYNKDMFVSN
;
_entity_poly.pdbx_strand_id   A,B
#
loop_
_chem_comp.id
_chem_comp.type
_chem_comp.name
_chem_comp.formula
NDP non-polymer 'NADPH DIHYDRO-NICOTINAMIDE-ADENINE-DINUCLEOTIDE PHOSPHATE' 'C21 H30 N7 O17 P3'
SFF non-polymer '(4aS,8aR)-N-cyclohexyl-4a,5,6,7,8,8a-hexahydro-4,1,2-benzoxathiazin-3-amine 1,1-dioxide' 'C13 H22 N2 O3 S'
SO4 non-polymer 'SULFATE ION' 'O4 S -2'
#
# COMPACT_ATOMS: atom_id res chain seq x y z
N GLU A 9 -22.13 1.97 -24.26
CA GLU A 9 -20.73 1.72 -23.87
C GLU A 9 -19.83 2.90 -24.19
N GLU A 10 -20.40 3.93 -24.82
CA GLU A 10 -19.71 5.16 -25.20
C GLU A 10 -20.22 6.28 -24.30
N PHE A 11 -19.30 7.08 -23.74
CA PHE A 11 -19.64 8.18 -22.85
C PHE A 11 -20.45 9.27 -23.54
N ARG A 12 -21.42 9.82 -22.81
CA ARG A 12 -22.25 10.94 -23.25
C ARG A 12 -22.26 11.93 -22.09
N PRO A 13 -22.01 13.25 -22.29
CA PRO A 13 -22.03 14.20 -21.14
C PRO A 13 -23.32 14.22 -20.31
N GLU A 14 -24.46 13.83 -20.93
CA GLU A 14 -25.80 13.73 -20.32
C GLU A 14 -25.82 12.72 -19.18
N MET A 15 -24.84 11.78 -19.16
CA MET A 15 -24.67 10.79 -18.09
C MET A 15 -24.39 11.51 -16.75
N LEU A 16 -23.93 12.78 -16.79
CA LEU A 16 -23.62 13.58 -15.60
C LEU A 16 -24.57 14.73 -15.32
N GLN A 17 -25.53 14.97 -16.21
CA GLN A 17 -26.51 16.02 -16.02
C GLN A 17 -27.36 15.75 -14.79
N GLY A 18 -27.38 16.72 -13.88
CA GLY A 18 -28.12 16.61 -12.62
C GLY A 18 -27.55 15.59 -11.64
N LYS A 19 -26.37 15.00 -11.91
CA LYS A 19 -25.73 14.07 -10.98
C LYS A 19 -25.07 14.83 -9.82
N LYS A 20 -25.00 14.19 -8.67
CA LYS A 20 -24.50 14.76 -7.43
C LYS A 20 -23.09 14.25 -7.21
N VAL A 21 -22.11 15.15 -7.43
CA VAL A 21 -20.68 14.78 -7.42
C VAL A 21 -19.85 15.51 -6.35
N ILE A 22 -18.91 14.79 -5.73
CA ILE A 22 -17.94 15.36 -4.78
C ILE A 22 -16.58 15.29 -5.47
N VAL A 23 -15.81 16.37 -5.37
CA VAL A 23 -14.44 16.43 -5.87
C VAL A 23 -13.57 16.93 -4.72
N THR A 24 -12.59 16.13 -4.29
CA THR A 24 -11.62 16.55 -3.27
C THR A 24 -10.45 17.15 -4.02
N GLY A 25 -9.68 18.02 -3.33
CA GLY A 25 -8.53 18.72 -3.93
C GLY A 25 -8.93 19.48 -5.18
N ALA A 26 -10.05 20.22 -5.08
CA ALA A 26 -10.70 20.96 -6.17
C ALA A 26 -10.27 22.42 -6.39
N SER A 27 -9.31 22.93 -5.60
CA SER A 27 -8.91 24.35 -5.75
C SER A 27 -7.93 24.63 -6.88
N LYS A 28 -7.26 23.58 -7.38
CA LYS A 28 -6.25 23.70 -8.43
C LYS A 28 -6.02 22.33 -9.09
N GLY A 29 -5.10 22.29 -10.05
CA GLY A 29 -4.69 21.09 -10.77
C GLY A 29 -5.80 20.34 -11.48
N ILE A 30 -5.75 19.01 -11.41
CA ILE A 30 -6.70 18.09 -12.04
C ILE A 30 -8.08 18.24 -11.40
N GLY A 31 -8.12 18.43 -10.08
CA GLY A 31 -9.35 18.62 -9.33
C GLY A 31 -10.21 19.77 -9.80
N ARG A 32 -9.55 20.95 -9.98
CA ARG A 32 -10.22 22.15 -10.48
C ARG A 32 -10.73 21.88 -11.91
N GLU A 33 -9.91 21.19 -12.73
CA GLU A 33 -10.32 20.86 -14.10
C GLU A 33 -11.54 19.95 -14.12
N MET A 34 -11.60 18.99 -13.17
CA MET A 34 -12.73 18.06 -13.09
C MET A 34 -14.04 18.78 -12.73
N ALA A 35 -13.96 19.72 -11.77
CA ALA A 35 -15.08 20.55 -11.31
C ALA A 35 -15.67 21.33 -12.49
N TYR A 36 -14.80 21.89 -13.36
CA TYR A 36 -15.19 22.64 -14.55
C TYR A 36 -15.94 21.77 -15.53
N HIS A 37 -15.36 20.58 -15.93
CA HIS A 37 -16.00 19.63 -16.85
C HIS A 37 -17.38 19.26 -16.36
N LEU A 38 -17.48 18.84 -15.07
CA LEU A 38 -18.71 18.43 -14.42
C LEU A 38 -19.73 19.55 -14.47
N SER A 39 -19.28 20.80 -14.22
CA SER A 39 -20.13 21.99 -14.28
C SER A 39 -20.70 22.20 -15.68
N LYS A 40 -19.85 22.04 -16.74
CA LYS A 40 -20.30 22.17 -18.14
C LYS A 40 -21.31 21.06 -18.48
N MET A 41 -21.23 19.91 -17.80
CA MET A 41 -22.16 18.78 -17.99
C MET A 41 -23.48 18.97 -17.24
N GLY A 42 -23.58 20.00 -16.41
CA GLY A 42 -24.79 20.30 -15.64
C GLY A 42 -24.97 19.49 -14.37
N ALA A 43 -23.86 19.03 -13.80
CA ALA A 43 -23.89 18.23 -12.59
C ALA A 43 -23.97 19.15 -11.37
N HIS A 44 -24.38 18.59 -10.22
CA HIS A 44 -24.35 19.29 -8.93
C HIS A 44 -22.98 18.92 -8.38
N VAL A 45 -22.24 19.91 -7.89
CA VAL A 45 -20.89 19.64 -7.34
C VAL A 45 -20.76 20.21 -5.93
N VAL A 46 -20.00 19.48 -5.07
CA VAL A 46 -19.56 19.95 -3.75
C VAL A 46 -18.04 19.79 -3.77
N LEU A 47 -17.31 20.89 -3.60
CA LEU A 47 -15.85 20.91 -3.71
C LEU A 47 -15.13 21.13 -2.39
N THR A 48 -13.92 20.59 -2.25
CA THR A 48 -13.10 20.74 -1.04
C THR A 48 -11.61 20.83 -1.34
N ALA A 49 -10.87 21.49 -0.43
CA ALA A 49 -9.42 21.76 -0.39
C ALA A 49 -9.19 22.57 0.90
N ARG A 50 -7.97 22.99 1.22
CA ARG A 50 -7.78 23.80 2.45
C ARG A 50 -8.08 25.27 2.20
N SER A 51 -7.86 25.72 0.94
CA SER A 51 -7.99 27.10 0.51
C SER A 51 -9.43 27.56 0.27
N GLU A 52 -9.93 28.45 1.14
CA GLU A 52 -11.28 29.03 1.04
C GLU A 52 -11.42 29.90 -0.18
N GLU A 53 -10.45 30.82 -0.40
CA GLU A 53 -10.40 31.72 -1.55
C GLU A 53 -10.30 30.93 -2.85
N GLY A 54 -9.44 29.91 -2.88
CA GLY A 54 -9.24 29.03 -4.02
C GLY A 54 -10.51 28.29 -4.37
N LEU A 55 -11.23 27.81 -3.32
CA LEU A 55 -12.52 27.15 -3.49
C LEU A 55 -13.61 28.12 -3.94
N GLN A 56 -13.64 29.34 -3.37
CA GLN A 56 -14.65 30.34 -3.74
C GLN A 56 -14.59 30.64 -5.25
N LYS A 57 -13.37 30.87 -5.77
CA LYS A 57 -13.10 31.14 -7.21
C LYS A 57 -13.54 30.00 -8.10
N VAL A 58 -13.26 28.73 -7.72
CA VAL A 58 -13.67 27.56 -8.51
C VAL A 58 -15.20 27.42 -8.50
N VAL A 59 -15.83 27.52 -7.31
CA VAL A 59 -17.30 27.45 -7.20
C VAL A 59 -17.96 28.52 -8.09
N SER A 60 -17.47 29.76 -8.04
CA SER A 60 -18.00 30.88 -8.83
C SER A 60 -17.94 30.59 -10.34
N ARG A 61 -16.79 30.04 -10.82
CA ARG A 61 -16.57 29.67 -12.22
C ARG A 61 -17.48 28.52 -12.64
N CYS A 62 -17.64 27.53 -11.75
CA CYS A 62 -18.51 26.37 -11.95
C CYS A 62 -19.96 26.81 -12.22
N LEU A 63 -20.47 27.72 -11.36
CA LEU A 63 -21.82 28.29 -11.46
C LEU A 63 -21.97 28.95 -12.86
N GLU A 64 -20.94 29.70 -13.30
CA GLU A 64 -20.92 30.35 -14.63
C GLU A 64 -20.95 29.33 -15.76
N LEU A 65 -20.25 28.20 -15.58
CA LEU A 65 -20.12 27.15 -16.57
C LEU A 65 -21.38 26.29 -16.77
N GLY A 66 -22.36 26.45 -15.89
CA GLY A 66 -23.63 25.73 -16.00
C GLY A 66 -23.91 24.66 -14.96
N ALA A 67 -23.12 24.62 -13.87
CA ALA A 67 -23.37 23.65 -12.79
C ALA A 67 -24.83 23.81 -12.30
N ALA A 68 -25.51 22.68 -12.01
CA ALA A 68 -26.86 22.69 -11.49
C ALA A 68 -26.85 23.34 -10.10
N SER A 69 -25.76 23.11 -9.36
CA SER A 69 -25.46 23.73 -8.06
C SER A 69 -23.98 23.54 -7.78
N ALA A 70 -23.39 24.45 -7.00
CA ALA A 70 -21.99 24.37 -6.59
C ALA A 70 -21.78 24.91 -5.20
N HIS A 71 -21.18 24.09 -4.31
CA HIS A 71 -20.85 24.50 -2.94
C HIS A 71 -19.43 24.10 -2.61
N TYR A 72 -18.83 24.79 -1.64
CA TYR A 72 -17.51 24.48 -1.13
C TYR A 72 -17.55 24.34 0.39
N ILE A 73 -16.71 23.44 0.92
CA ILE A 73 -16.48 23.22 2.36
C ILE A 73 -14.98 23.10 2.46
N ALA A 74 -14.34 23.97 3.23
CA ALA A 74 -12.88 24.00 3.38
C ALA A 74 -12.39 23.32 4.63
N GLY A 75 -11.27 22.62 4.47
CA GLY A 75 -10.60 21.98 5.58
C GLY A 75 -9.46 21.10 5.14
N THR A 76 -8.81 20.47 6.11
CA THR A 76 -7.68 19.59 5.87
C THR A 76 -8.10 18.12 5.94
N MET A 77 -7.64 17.34 4.95
CA MET A 77 -7.90 15.91 4.89
C MET A 77 -6.97 15.08 5.78
N GLU A 78 -6.18 15.79 6.60
CA GLU A 78 -5.33 15.21 7.62
C GLU A 78 -6.16 14.98 8.91
N ASP A 79 -7.34 15.61 8.96
CA ASP A 79 -8.28 15.47 10.07
C ASP A 79 -9.39 14.52 9.64
N MET A 80 -9.43 13.28 10.20
CA MET A 80 -10.44 12.26 9.88
C MET A 80 -11.87 12.70 10.23
N THR A 81 -12.04 13.58 11.25
CA THR A 81 -13.36 14.14 11.64
C THR A 81 -13.92 15.02 10.51
N PHE A 82 -13.10 15.94 10.00
CA PHE A 82 -13.46 16.81 8.89
C PHE A 82 -13.78 15.95 7.64
N ALA A 83 -12.90 14.98 7.32
CA ALA A 83 -13.10 14.11 6.15
C ALA A 83 -14.49 13.46 6.17
N GLU A 84 -14.88 12.85 7.30
CA GLU A 84 -16.17 12.19 7.47
C GLU A 84 -17.32 13.18 7.47
N GLN A 85 -17.23 14.25 8.29
CA GLN A 85 -18.25 15.30 8.38
C GLN A 85 -18.44 16.01 7.04
N PHE A 86 -17.38 16.08 6.22
CA PHE A 86 -17.46 16.71 4.91
C PHE A 86 -18.43 15.90 4.02
N ILE A 87 -18.35 14.55 4.08
CA ILE A 87 -19.22 13.67 3.30
C ILE A 87 -20.66 13.83 3.70
N VAL A 88 -20.93 13.79 5.01
CA VAL A 88 -22.27 13.95 5.57
C VAL A 88 -22.90 15.27 5.10
N LYS A 89 -22.14 16.40 5.21
CA LYS A 89 -22.60 17.74 4.82
C LYS A 89 -22.82 17.87 3.31
N ALA A 90 -21.90 17.33 2.50
CA ALA A 90 -21.96 17.39 1.05
C ALA A 90 -23.17 16.64 0.57
N GLY A 91 -23.46 15.51 1.22
CA GLY A 91 -24.64 14.69 0.93
C GLY A 91 -25.94 15.41 1.22
N LYS A 92 -26.00 16.12 2.35
CA LYS A 92 -27.15 16.91 2.80
C LYS A 92 -27.38 18.12 1.88
N LEU A 93 -26.27 18.74 1.38
CA LEU A 93 -26.36 19.87 0.47
C LEU A 93 -27.00 19.46 -0.88
N MET A 94 -26.68 18.27 -1.37
CA MET A 94 -27.21 17.82 -2.65
C MET A 94 -28.43 16.90 -2.54
N GLY A 95 -28.72 16.37 -1.35
CA GLY A 95 -29.80 15.41 -1.14
C GLY A 95 -29.48 14.05 -1.76
N GLY A 96 -28.23 13.62 -1.61
CA GLY A 96 -27.72 12.36 -2.13
C GLY A 96 -26.35 12.49 -2.76
N LEU A 97 -25.85 11.39 -3.37
CA LEU A 97 -24.54 11.35 -4.01
C LEU A 97 -24.46 10.29 -5.12
N ASP A 98 -24.00 10.69 -6.33
CA ASP A 98 -23.83 9.76 -7.49
C ASP A 98 -22.37 9.39 -7.75
N MET A 99 -21.44 10.32 -7.49
CA MET A 99 -20.03 10.08 -7.74
C MET A 99 -19.14 10.79 -6.73
N LEU A 100 -18.15 10.07 -6.23
CA LEU A 100 -17.18 10.57 -5.26
C LEU A 100 -15.77 10.53 -5.92
N ILE A 101 -15.12 11.69 -6.08
CA ILE A 101 -13.79 11.77 -6.68
C ILE A 101 -12.78 12.10 -5.61
N LEU A 102 -11.99 11.09 -5.22
CA LEU A 102 -10.96 11.21 -4.20
C LEU A 102 -9.67 11.52 -4.93
N ASN A 103 -9.31 12.80 -4.92
CA ASN A 103 -8.25 13.39 -5.71
C ASN A 103 -7.11 14.02 -4.93
N HIS A 104 -7.39 14.55 -3.76
CA HIS A 104 -6.39 15.24 -2.97
C HIS A 104 -5.21 14.37 -2.52
N ILE A 105 -4.12 15.05 -2.21
CA ILE A 105 -2.86 14.49 -1.66
C ILE A 105 -2.28 15.56 -0.73
N THR A 106 -1.37 15.17 0.14
CA THR A 106 -0.62 16.10 0.99
C THR A 106 0.63 16.50 0.17
N GLN A 107 1.34 17.53 0.60
CA GLN A 107 2.55 18.00 -0.08
C GLN A 107 3.65 16.94 -0.04
N THR A 108 4.21 16.60 -1.21
CA THR A 108 5.35 15.68 -1.32
C THR A 108 6.43 16.30 -2.16
N SER A 109 7.68 16.14 -1.71
CA SER A 109 8.88 16.60 -2.40
C SER A 109 9.74 15.38 -2.72
N LEU A 110 10.40 15.39 -3.88
CA LEU A 110 11.27 14.29 -4.29
C LEU A 110 12.57 14.38 -3.51
N SER A 111 12.93 13.31 -2.81
CA SER A 111 14.17 13.21 -2.04
C SER A 111 14.40 11.76 -1.68
N LEU A 112 15.66 11.33 -1.66
CA LEU A 112 15.97 9.95 -1.26
C LEU A 112 15.44 9.82 0.15
N PHE A 113 14.82 8.67 0.49
CA PHE A 113 14.23 8.54 1.82
C PHE A 113 15.35 8.46 2.84
N HIS A 114 15.28 9.32 3.84
CA HIS A 114 16.32 9.35 4.86
C HIS A 114 15.75 9.88 6.16
N ASP A 115 15.62 8.98 7.18
CA ASP A 115 15.21 9.32 8.54
C ASP A 115 13.97 10.20 8.49
N ASP A 116 12.92 9.73 7.83
CA ASP A 116 11.75 10.54 7.58
C ASP A 116 10.42 9.84 7.88
N ILE A 117 10.26 9.38 9.14
CA ILE A 117 9.05 8.69 9.63
C ILE A 117 7.83 9.57 9.58
N HIS A 118 7.92 10.77 10.18
CA HIS A 118 6.83 11.76 10.28
C HIS A 118 6.16 12.02 8.94
N SER A 119 6.95 12.06 7.87
CA SER A 119 6.40 12.25 6.54
C SER A 119 5.67 11.02 6.02
N VAL A 120 6.12 9.80 6.34
CA VAL A 120 5.42 8.58 5.93
C VAL A 120 4.04 8.56 6.63
N ARG A 121 3.97 8.90 7.93
CA ARG A 121 2.73 8.88 8.69
C ARG A 121 1.69 9.88 8.20
N ARG A 122 2.09 11.16 8.01
CA ARG A 122 1.15 12.19 7.54
C ARG A 122 0.68 11.87 6.12
N VAL A 123 1.57 11.32 5.26
CA VAL A 123 1.29 10.94 3.87
C VAL A 123 0.27 9.81 3.86
N MET A 124 0.48 8.75 4.67
CA MET A 124 -0.44 7.63 4.79
C MET A 124 -1.81 8.10 5.31
N GLU A 125 -1.83 9.00 6.31
CA GLU A 125 -3.06 9.57 6.87
C GLU A 125 -3.88 10.33 5.82
N VAL A 126 -3.26 11.27 5.09
CA VAL A 126 -3.95 12.10 4.09
C VAL A 126 -4.26 11.33 2.81
N ASN A 127 -3.23 10.74 2.21
CA ASN A 127 -3.32 10.07 0.91
C ASN A 127 -4.12 8.78 0.89
N PHE A 128 -4.14 8.08 2.02
CA PHE A 128 -4.83 6.79 2.14
C PHE A 128 -5.94 6.76 3.18
N LEU A 129 -5.63 7.01 4.46
CA LEU A 129 -6.65 6.90 5.52
C LEU A 129 -7.92 7.75 5.32
N SER A 130 -7.78 8.99 4.79
CA SER A 130 -8.95 9.86 4.57
C SER A 130 -9.77 9.33 3.40
N TYR A 131 -9.12 8.60 2.47
CA TYR A 131 -9.82 8.01 1.33
C TYR A 131 -10.74 6.90 1.84
N VAL A 132 -10.25 6.08 2.81
CA VAL A 132 -11.02 5.02 3.47
C VAL A 132 -12.18 5.66 4.25
N VAL A 133 -11.91 6.69 5.05
CA VAL A 133 -12.91 7.42 5.84
C VAL A 133 -14.06 7.90 4.94
N MET A 134 -13.73 8.61 3.86
CA MET A 134 -14.72 9.16 2.92
C MET A 134 -15.47 8.12 2.12
N SER A 135 -14.80 7.06 1.64
CA SER A 135 -15.53 6.01 0.88
C SER A 135 -16.49 5.26 1.81
N THR A 136 -16.12 5.07 3.10
CA THR A 136 -16.96 4.43 4.10
C THR A 136 -18.21 5.28 4.38
N ALA A 137 -18.02 6.60 4.62
CA ALA A 137 -19.14 7.49 4.92
C ALA A 137 -20.07 7.67 3.71
N ALA A 138 -19.51 7.65 2.48
CA ALA A 138 -20.24 7.84 1.23
C ALA A 138 -20.99 6.62 0.74
N LEU A 139 -20.53 5.39 1.11
CA LEU A 139 -21.12 4.16 0.60
C LEU A 139 -22.64 4.02 0.69
N PRO A 140 -23.30 4.28 1.86
CA PRO A 140 -24.78 4.17 1.89
C PRO A 140 -25.49 5.06 0.83
N MET A 141 -24.97 6.28 0.58
CA MET A 141 -25.56 7.16 -0.45
C MET A 141 -25.33 6.62 -1.87
N LEU A 142 -24.10 6.11 -2.16
CA LEU A 142 -23.73 5.53 -3.46
C LEU A 142 -24.56 4.24 -3.72
N LYS A 143 -24.82 3.42 -2.68
CA LYS A 143 -25.64 2.20 -2.79
C LYS A 143 -27.06 2.55 -3.22
N GLN A 144 -27.66 3.58 -2.59
CA GLN A 144 -28.98 4.05 -2.99
C GLN A 144 -29.01 4.51 -4.47
N SER A 145 -27.97 5.19 -4.92
CA SER A 145 -27.97 5.74 -6.28
C SER A 145 -27.28 4.87 -7.36
N ASN A 146 -26.71 3.71 -6.97
CA ASN A 146 -25.90 2.85 -7.86
C ASN A 146 -24.71 3.67 -8.37
N GLY A 147 -24.10 4.38 -7.42
CA GLY A 147 -23.01 5.33 -7.63
C GLY A 147 -21.67 4.78 -8.04
N SER A 148 -20.66 5.65 -8.00
CA SER A 148 -19.29 5.41 -8.42
C SER A 148 -18.29 6.16 -7.54
N ILE A 149 -17.08 5.59 -7.41
CA ILE A 149 -15.95 6.23 -6.72
C ILE A 149 -14.79 6.25 -7.66
N ALA A 150 -14.21 7.45 -7.93
CA ALA A 150 -12.96 7.55 -8.70
C ALA A 150 -11.84 7.67 -7.67
N VAL A 151 -10.84 6.79 -7.74
CA VAL A 151 -9.68 6.80 -6.85
C VAL A 151 -8.48 7.23 -7.68
N ILE A 152 -7.96 8.41 -7.37
CA ILE A 152 -6.83 8.96 -8.11
C ILE A 152 -5.53 8.38 -7.63
N SER A 153 -4.79 7.81 -8.59
CA SER A 153 -3.50 7.19 -8.38
C SER A 153 -2.55 7.63 -9.49
N SER A 154 -1.36 6.98 -9.56
CA SER A 154 -0.27 7.27 -10.47
C SER A 154 0.50 6.03 -10.82
N LEU A 155 1.42 6.14 -11.83
CA LEU A 155 2.32 5.06 -12.26
C LEU A 155 3.05 4.55 -11.03
N ALA A 156 3.42 5.48 -10.14
CA ALA A 156 4.07 5.23 -8.84
C ALA A 156 3.21 4.44 -7.83
N GLY A 157 1.97 4.18 -8.20
CA GLY A 157 1.05 3.35 -7.42
C GLY A 157 0.92 1.98 -8.03
N LYS A 158 1.73 1.69 -9.10
CA LYS A 158 1.73 0.42 -9.85
C LYS A 158 3.14 -0.10 -10.11
N MET A 159 4.12 0.76 -9.91
CA MET A 159 5.55 0.49 -10.07
C MET A 159 6.29 1.37 -9.09
N THR A 160 7.62 1.17 -8.96
CA THR A 160 8.43 2.00 -8.07
C THR A 160 9.43 2.86 -8.83
N GLN A 161 9.87 3.95 -8.18
CA GLN A 161 10.80 4.95 -8.70
C GLN A 161 11.55 5.58 -7.54
N PRO A 162 12.81 6.00 -7.75
CA PRO A 162 13.52 6.66 -6.66
C PRO A 162 12.85 7.99 -6.26
N MET A 163 13.04 8.38 -5.00
CA MET A 163 12.70 9.68 -4.40
C MET A 163 11.25 9.93 -3.94
N ILE A 164 10.37 8.92 -4.08
CA ILE A 164 8.97 9.04 -3.67
C ILE A 164 8.45 7.88 -2.81
N ALA A 165 9.31 7.29 -1.94
CA ALA A 165 8.94 6.20 -1.05
C ALA A 165 7.61 6.42 -0.27
N PRO A 166 7.38 7.55 0.47
CA PRO A 166 6.09 7.72 1.18
C PRO A 166 4.87 7.77 0.26
N TYR A 167 4.94 8.53 -0.83
CA TYR A 167 3.83 8.70 -1.78
C TYR A 167 3.49 7.36 -2.46
N SER A 168 4.50 6.65 -2.94
CA SER A 168 4.34 5.37 -3.61
C SER A 168 3.67 4.36 -2.67
N ALA A 169 4.11 4.34 -1.39
CA ALA A 169 3.53 3.48 -0.36
C ALA A 169 2.02 3.71 -0.22
N SER A 170 1.61 5.00 -0.18
CA SER A 170 0.22 5.37 -0.02
C SER A 170 -0.65 5.04 -1.24
N LYS A 171 -0.08 5.14 -2.45
CA LYS A 171 -0.81 4.84 -3.69
C LYS A 171 -0.95 3.32 -3.89
N PHE A 172 0.07 2.54 -3.47
CA PHE A 172 0.05 1.06 -3.53
C PHE A 172 -1.05 0.58 -2.58
N ALA A 173 -1.12 1.18 -1.37
CA ALA A 173 -2.15 0.91 -0.35
C ALA A 173 -3.57 1.14 -0.92
N LEU A 174 -3.77 2.23 -1.68
CA LEU A 174 -5.06 2.54 -2.30
C LEU A 174 -5.47 1.40 -3.26
N ASP A 175 -4.53 0.88 -4.06
CA ASP A 175 -4.79 -0.24 -4.98
C ASP A 175 -5.17 -1.50 -4.20
N GLY A 176 -4.44 -1.82 -3.14
CA GLY A 176 -4.74 -2.99 -2.32
C GLY A 176 -6.09 -2.88 -1.63
N PHE A 177 -6.40 -1.70 -1.09
CA PHE A 177 -7.68 -1.51 -0.40
C PHE A 177 -8.84 -1.47 -1.37
N PHE A 178 -8.77 -0.55 -2.37
CA PHE A 178 -9.89 -0.32 -3.30
C PHE A 178 -10.19 -1.43 -4.26
N SER A 179 -9.19 -2.27 -4.62
CA SER A 179 -9.43 -3.43 -5.50
C SER A 179 -10.12 -4.53 -4.72
N THR A 180 -9.87 -4.62 -3.40
CA THR A 180 -10.59 -5.61 -2.57
C THR A 180 -12.06 -5.20 -2.46
N ILE A 181 -12.31 -3.88 -2.21
CA ILE A 181 -13.68 -3.29 -2.10
C ILE A 181 -14.47 -3.54 -3.38
N ARG A 182 -13.87 -3.21 -4.54
CA ARG A 182 -14.49 -3.41 -5.87
C ARG A 182 -15.00 -4.84 -6.02
N THR A 183 -14.13 -5.83 -5.73
CA THR A 183 -14.44 -7.25 -5.80
C THR A 183 -15.52 -7.62 -4.80
N GLU A 184 -15.45 -7.09 -3.57
CA GLU A 184 -16.45 -7.40 -2.55
C GLU A 184 -17.81 -6.85 -2.97
N LEU A 185 -17.86 -5.64 -3.54
CA LEU A 185 -19.13 -5.05 -4.00
C LEU A 185 -19.69 -5.87 -5.18
N TYR A 186 -18.78 -6.31 -6.11
CA TYR A 186 -19.15 -7.09 -7.30
C TYR A 186 -19.75 -8.45 -6.91
N ILE A 187 -19.04 -9.23 -6.07
CA ILE A 187 -19.47 -10.57 -5.63
C ILE A 187 -20.70 -10.58 -4.71
N THR A 188 -21.02 -9.43 -4.09
CA THR A 188 -22.20 -9.30 -3.22
C THR A 188 -23.35 -8.65 -3.97
N LYS A 189 -23.15 -8.37 -5.28
CA LYS A 189 -24.17 -7.80 -6.21
C LYS A 189 -24.60 -6.37 -5.82
N VAL A 190 -23.65 -5.60 -5.26
CA VAL A 190 -23.91 -4.22 -4.92
C VAL A 190 -23.42 -3.43 -6.15
N ASN A 191 -24.34 -2.71 -6.82
CA ASN A 191 -24.05 -1.91 -8.03
C ASN A 191 -23.37 -0.55 -7.73
N VAL A 192 -22.18 -0.60 -7.12
CA VAL A 192 -21.34 0.58 -6.87
C VAL A 192 -20.02 0.25 -7.55
N SER A 193 -19.57 1.13 -8.44
CA SER A 193 -18.33 0.89 -9.18
C SER A 193 -17.15 1.67 -8.59
N ILE A 194 -15.93 1.10 -8.72
CA ILE A 194 -14.67 1.69 -8.23
C ILE A 194 -13.68 1.83 -9.39
N THR A 195 -13.33 3.06 -9.73
CA THR A 195 -12.39 3.35 -10.80
C THR A 195 -11.07 3.86 -10.24
N LEU A 196 -10.01 3.06 -10.38
CA LEU A 196 -8.65 3.45 -10.01
C LEU A 196 -8.04 4.09 -11.25
N CYS A 197 -7.69 5.38 -11.13
CA CYS A 197 -7.16 6.14 -12.25
C CYS A 197 -5.63 6.24 -12.13
N VAL A 198 -4.93 5.52 -13.00
CA VAL A 198 -3.46 5.44 -13.03
C VAL A 198 -2.95 6.47 -14.04
N LEU A 199 -2.53 7.59 -13.49
CA LEU A 199 -2.08 8.77 -14.20
C LEU A 199 -0.57 8.86 -14.32
N GLY A 200 -0.10 9.23 -15.52
CA GLY A 200 1.30 9.52 -15.79
C GLY A 200 1.53 10.97 -15.40
N LEU A 201 2.68 11.56 -15.71
CA LEU A 201 2.99 12.96 -15.39
C LEU A 201 1.98 13.90 -16.02
N ILE A 202 1.39 14.80 -15.21
CA ILE A 202 0.40 15.77 -15.66
C ILE A 202 0.96 17.17 -15.43
N ASP A 203 0.74 18.08 -16.39
CA ASP A 203 1.28 19.45 -16.39
C ASP A 203 0.68 20.46 -15.37
N THR A 204 0.38 20.00 -14.15
CA THR A 204 -0.10 20.91 -13.12
C THR A 204 1.13 21.59 -12.54
N GLU A 205 0.97 22.80 -11.97
CA GLU A 205 2.06 23.58 -11.39
C GLU A 205 2.84 22.77 -10.32
N THR A 206 2.12 22.05 -9.44
CA THR A 206 2.70 21.21 -8.39
C THR A 206 3.65 20.15 -8.93
N ALA A 207 3.17 19.30 -9.88
CA ALA A 207 3.99 18.24 -10.46
C ALA A 207 5.20 18.78 -11.19
N MET A 208 5.02 19.88 -11.97
CA MET A 208 6.11 20.50 -12.73
C MET A 208 7.16 21.11 -11.80
N LYS A 209 6.72 21.79 -10.73
CA LYS A 209 7.63 22.37 -9.75
C LYS A 209 8.45 21.28 -9.03
N GLU A 210 7.76 20.24 -8.53
CA GLU A 210 8.38 19.16 -7.76
C GLU A 210 9.47 18.33 -8.47
N ILE A 211 9.36 18.19 -9.79
CA ILE A 211 10.33 17.44 -10.62
C ILE A 211 11.43 18.35 -11.21
N SER A 212 11.26 19.69 -11.13
CA SER A 212 12.20 20.66 -11.71
C SER A 212 13.65 20.41 -11.24
N GLY A 213 14.51 20.12 -12.22
CA GLY A 213 15.93 19.82 -11.98
C GLY A 213 16.18 18.42 -11.43
N ILE A 214 15.16 17.54 -11.42
CA ILE A 214 15.26 16.16 -10.89
C ILE A 214 14.89 15.15 -11.96
N ILE A 215 13.70 15.32 -12.57
CA ILE A 215 13.18 14.43 -13.60
C ILE A 215 12.84 15.25 -14.85
N ASN A 216 13.27 14.76 -16.02
CA ASN A 216 13.01 15.35 -17.32
C ASN A 216 12.15 14.34 -18.07
N ALA A 217 10.85 14.62 -18.15
CA ALA A 217 9.86 13.76 -18.78
C ALA A 217 8.76 14.62 -19.38
N GLN A 218 8.03 14.05 -20.35
CA GLN A 218 6.93 14.72 -21.00
C GLN A 218 5.68 14.58 -20.13
N ALA A 219 4.95 15.69 -20.01
CA ALA A 219 3.72 15.80 -19.23
C ALA A 219 2.52 15.71 -20.14
N SER A 220 1.38 15.26 -19.59
CA SER A 220 0.12 15.21 -20.36
C SER A 220 -0.76 16.40 -19.92
N PRO A 221 -1.63 16.97 -20.79
CA PRO A 221 -2.41 18.14 -20.36
C PRO A 221 -3.48 17.84 -19.30
N LYS A 222 -3.54 18.68 -18.25
CA LYS A 222 -4.48 18.56 -17.13
C LYS A 222 -5.96 18.55 -17.50
N GLU A 223 -6.34 19.29 -18.55
CA GLU A 223 -7.73 19.37 -18.98
C GLU A 223 -8.23 18.02 -19.46
N GLU A 224 -7.51 17.39 -20.40
CA GLU A 224 -7.86 16.11 -21.01
C GLU A 224 -7.84 15.00 -19.97
N CYS A 225 -6.83 15.04 -19.07
CA CYS A 225 -6.68 14.09 -17.96
C CYS A 225 -7.96 14.07 -17.16
N ALA A 226 -8.44 15.27 -16.75
CA ALA A 226 -9.67 15.48 -15.99
C ALA A 226 -10.86 14.88 -16.69
N LEU A 227 -11.00 15.12 -18.02
CA LEU A 227 -12.13 14.55 -18.79
C LEU A 227 -12.09 13.02 -18.79
N GLU A 228 -10.89 12.42 -18.95
CA GLU A 228 -10.70 10.96 -18.99
C GLU A 228 -11.08 10.27 -17.68
N ILE A 229 -10.75 10.90 -16.54
CA ILE A 229 -11.11 10.41 -15.21
C ILE A 229 -12.64 10.30 -15.10
N ILE A 230 -13.35 11.39 -15.45
CA ILE A 230 -14.80 11.51 -15.39
C ILE A 230 -15.47 10.49 -16.31
N LYS A 231 -15.00 10.38 -17.57
CA LYS A 231 -15.53 9.44 -18.56
C LYS A 231 -15.39 8.00 -18.10
N GLY A 232 -14.19 7.60 -17.64
CA GLY A 232 -13.91 6.24 -17.19
C GLY A 232 -14.68 5.86 -15.95
N THR A 233 -14.90 6.84 -15.04
CA THR A 233 -15.67 6.62 -13.81
C THR A 233 -17.15 6.47 -14.15
N ALA A 234 -17.67 7.34 -15.06
CA ALA A 234 -19.07 7.29 -15.50
C ALA A 234 -19.36 5.96 -16.18
N LEU A 235 -18.38 5.46 -16.98
CA LEU A 235 -18.47 4.19 -17.72
C LEU A 235 -18.26 2.96 -16.87
N ARG A 236 -17.97 3.14 -15.56
CA ARG A 236 -17.80 2.07 -14.58
C ARG A 236 -16.61 1.13 -14.86
N LYS A 237 -15.55 1.67 -15.48
CA LYS A 237 -14.31 0.92 -15.75
C LYS A 237 -13.56 0.68 -14.44
N SER A 238 -13.01 -0.52 -14.26
CA SER A 238 -12.25 -0.84 -13.04
C SER A 238 -11.00 0.05 -12.93
N GLU A 239 -10.30 0.23 -14.08
CA GLU A 239 -9.09 1.06 -14.16
C GLU A 239 -9.05 1.96 -15.38
N VAL A 240 -8.43 3.14 -15.21
CA VAL A 240 -8.22 4.11 -16.28
C VAL A 240 -6.74 4.47 -16.25
N TYR A 241 -6.06 4.26 -17.38
CA TYR A 241 -4.67 4.65 -17.52
C TYR A 241 -4.62 5.91 -18.35
N TYR A 242 -3.91 6.93 -17.87
CA TYR A 242 -3.76 8.18 -18.62
C TYR A 242 -2.30 8.63 -18.58
N ASP A 243 -1.60 8.43 -19.71
CA ASP A 243 -0.18 8.74 -19.86
C ASP A 243 0.13 8.99 -21.37
N LYS A 244 1.27 9.65 -21.68
CA LYS A 244 1.66 9.93 -23.07
C LYS A 244 1.93 8.64 -23.87
N SER A 245 2.64 7.67 -23.26
CA SER A 245 2.96 6.42 -23.91
C SER A 245 1.80 5.42 -23.98
N PRO A 246 1.55 4.82 -25.17
CA PRO A 246 0.51 3.79 -25.27
C PRO A 246 0.93 2.45 -24.65
N LEU A 247 2.23 2.32 -24.30
CA LEU A 247 2.83 1.14 -23.68
C LEU A 247 2.53 1.05 -22.18
N THR A 248 2.34 2.22 -21.50
CA THR A 248 2.09 2.29 -20.06
C THR A 248 0.98 1.34 -19.57
N PRO A 249 -0.27 1.36 -20.13
CA PRO A 249 -1.29 0.41 -19.64
C PRO A 249 -0.98 -1.06 -19.92
N ILE A 250 -0.21 -1.33 -20.99
CA ILE A 250 0.20 -2.69 -21.36
C ILE A 250 1.25 -3.20 -20.34
N LEU A 251 2.22 -2.35 -19.98
CA LEU A 251 3.29 -2.71 -19.05
C LEU A 251 2.94 -2.61 -17.56
N LEU A 252 1.95 -1.77 -17.20
CA LEU A 252 1.54 -1.64 -15.80
C LEU A 252 0.24 -2.38 -15.46
N GLY A 253 -0.53 -2.76 -16.49
CA GLY A 253 -1.81 -3.46 -16.40
C GLY A 253 -1.81 -4.79 -15.67
N ASN A 254 -0.64 -5.43 -15.58
CA ASN A 254 -0.46 -6.71 -14.87
C ASN A 254 -1.50 -7.83 -15.20
N PRO A 255 -1.49 -8.40 -16.45
CA PRO A 255 -2.44 -9.51 -16.75
C PRO A 255 -2.32 -10.75 -15.86
N GLY A 256 -1.13 -11.01 -15.30
CA GLY A 256 -0.91 -12.15 -14.41
C GLY A 256 -1.78 -12.05 -13.16
N ARG A 257 -1.76 -10.85 -12.51
CA ARG A 257 -2.56 -10.53 -11.32
C ARG A 257 -4.03 -10.75 -11.62
N LYS A 258 -4.51 -10.29 -12.79
CA LYS A 258 -5.90 -10.41 -13.22
C LYS A 258 -6.33 -11.89 -13.37
N ILE A 259 -5.42 -12.75 -13.88
CA ILE A 259 -5.65 -14.19 -14.02
C ILE A 259 -5.78 -14.80 -12.60
N MET A 260 -4.81 -14.48 -11.70
CA MET A 260 -4.81 -14.98 -10.32
C MET A 260 -6.08 -14.55 -9.57
N GLU A 261 -6.52 -13.30 -9.74
CA GLU A 261 -7.72 -12.76 -9.10
C GLU A 261 -9.00 -13.47 -9.57
N PHE A 262 -9.08 -13.83 -10.87
CA PHE A 262 -10.23 -14.55 -11.42
C PHE A 262 -10.37 -15.93 -10.74
N PHE A 263 -9.27 -16.73 -10.74
CA PHE A 263 -9.24 -18.07 -10.11
C PHE A 263 -9.35 -18.07 -8.57
N SER A 264 -8.96 -16.95 -7.92
CA SER A 264 -8.97 -16.75 -6.47
C SER A 264 -10.34 -17.01 -5.82
N LEU A 265 -11.42 -16.54 -6.47
CA LEU A 265 -12.80 -16.67 -5.98
C LEU A 265 -13.29 -18.10 -5.86
N ARG A 266 -12.70 -19.03 -6.66
CA ARG A 266 -13.04 -20.46 -6.67
C ARG A 266 -12.76 -21.15 -5.33
N TYR A 267 -11.83 -20.59 -4.54
CA TYR A 267 -11.43 -21.12 -3.24
C TYR A 267 -12.32 -20.74 -2.08
N TYR A 268 -13.19 -19.73 -2.26
CA TYR A 268 -14.08 -19.22 -1.22
C TYR A 268 -15.39 -19.96 -1.11
N ASN A 269 -15.97 -19.97 0.09
CA ASN A 269 -17.27 -20.53 0.39
C ASN A 269 -18.28 -19.49 -0.16
N LYS A 270 -19.04 -19.85 -1.21
CA LYS A 270 -20.03 -18.97 -1.85
C LYS A 270 -21.03 -18.33 -0.90
N ASP A 271 -21.33 -19.01 0.23
CA ASP A 271 -22.25 -18.51 1.25
C ASP A 271 -21.81 -17.20 1.90
N MET A 272 -20.47 -16.93 1.90
CA MET A 272 -19.92 -15.69 2.46
C MET A 272 -20.42 -14.47 1.68
N PHE A 273 -20.82 -14.68 0.42
CA PHE A 273 -21.25 -13.59 -0.44
C PHE A 273 -22.72 -13.71 -0.82
N GLU B 9 24.92 -18.80 -7.19
CA GLU B 9 25.34 -19.16 -5.84
C GLU B 9 24.25 -19.88 -5.04
N GLU B 10 24.67 -20.90 -4.28
CA GLU B 10 23.78 -21.69 -3.45
C GLU B 10 23.92 -21.26 -2.01
N PHE B 11 22.83 -21.36 -1.23
CA PHE B 11 22.84 -21.05 0.18
C PHE B 11 23.49 -22.20 0.95
N ARG B 12 24.30 -21.86 1.96
CA ARG B 12 24.96 -22.83 2.85
C ARG B 12 24.70 -22.35 4.28
N PRO B 13 24.11 -23.16 5.20
CA PRO B 13 23.81 -22.64 6.57
C PRO B 13 24.98 -22.00 7.31
N GLU B 14 26.22 -22.45 6.98
CA GLU B 14 27.48 -21.95 7.54
C GLU B 14 27.61 -20.42 7.33
N MET B 15 26.93 -19.87 6.31
CA MET B 15 26.86 -18.42 6.03
C MET B 15 26.28 -17.65 7.20
N LEU B 16 25.43 -18.28 8.02
CA LEU B 16 24.76 -17.58 9.12
C LEU B 16 25.29 -17.84 10.50
N GLN B 17 26.33 -18.68 10.60
CA GLN B 17 26.94 -18.97 11.90
C GLN B 17 27.59 -17.69 12.37
N GLY B 18 27.36 -17.35 13.63
CA GLY B 18 27.89 -16.13 14.25
C GLY B 18 27.18 -14.84 13.87
N LYS B 19 26.26 -14.87 12.89
CA LYS B 19 25.49 -13.69 12.46
C LYS B 19 24.50 -13.22 13.52
N LYS B 20 24.21 -11.91 13.52
CA LYS B 20 23.33 -11.22 14.47
C LYS B 20 21.97 -10.92 13.83
N VAL B 21 20.95 -11.68 14.25
CA VAL B 21 19.63 -11.65 13.63
C VAL B 21 18.49 -11.23 14.56
N ILE B 22 17.63 -10.33 14.06
CA ILE B 22 16.37 -9.93 14.72
C ILE B 22 15.19 -10.64 14.02
N VAL B 23 14.28 -11.22 14.82
CA VAL B 23 13.05 -11.83 14.33
C VAL B 23 11.86 -11.19 15.08
N THR B 24 10.91 -10.60 14.36
CA THR B 24 9.71 -10.03 15.02
C THR B 24 8.59 -11.05 14.87
N GLY B 25 7.57 -10.99 15.71
CA GLY B 25 6.49 -11.98 15.69
C GLY B 25 7.03 -13.41 15.84
N ALA B 26 7.97 -13.56 16.77
CA ALA B 26 8.72 -14.80 16.95
C ALA B 26 8.20 -15.74 18.01
N SER B 27 7.04 -15.43 18.63
CA SER B 27 6.51 -16.31 19.69
C SER B 27 5.76 -17.51 19.13
N LYS B 28 5.34 -17.45 17.85
CA LYS B 28 4.60 -18.53 17.20
C LYS B 28 4.75 -18.47 15.68
N GLY B 29 4.08 -19.38 14.99
CA GLY B 29 4.01 -19.45 13.53
C GLY B 29 5.37 -19.48 12.85
N ILE B 30 5.47 -18.83 11.69
CA ILE B 30 6.72 -18.82 10.89
C ILE B 30 7.89 -18.11 11.58
N GLY B 31 7.58 -17.06 12.37
CA GLY B 31 8.58 -16.32 13.13
C GLY B 31 9.31 -17.25 14.08
N ARG B 32 8.56 -18.07 14.85
CA ARG B 32 9.13 -19.06 15.78
C ARG B 32 10.04 -20.06 15.04
N GLU B 33 9.56 -20.58 13.91
CA GLU B 33 10.29 -21.52 13.06
C GLU B 33 11.59 -20.92 12.55
N MET B 34 11.56 -19.61 12.18
CA MET B 34 12.75 -18.88 11.71
C MET B 34 13.77 -18.74 12.83
N ALA B 35 13.29 -18.53 14.07
CA ALA B 35 14.19 -18.44 15.24
C ALA B 35 14.90 -19.78 15.45
N TYR B 36 14.16 -20.92 15.30
CA TYR B 36 14.69 -22.28 15.43
C TYR B 36 15.77 -22.59 14.36
N HIS B 37 15.46 -22.32 13.08
CA HIS B 37 16.39 -22.53 11.97
C HIS B 37 17.68 -21.73 12.19
N LEU B 38 17.58 -20.46 12.64
CA LEU B 38 18.75 -19.59 12.86
C LEU B 38 19.61 -20.09 14.04
N SER B 39 18.94 -20.59 15.08
CA SER B 39 19.50 -21.16 16.28
C SER B 39 20.31 -22.41 15.91
N LYS B 40 19.73 -23.31 15.10
CA LYS B 40 20.38 -24.52 14.59
C LYS B 40 21.63 -24.16 13.81
N MET B 41 21.58 -23.07 13.00
CA MET B 41 22.69 -22.54 12.18
C MET B 41 23.81 -21.89 13.00
N GLY B 42 23.57 -21.65 14.28
CA GLY B 42 24.52 -21.06 15.22
C GLY B 42 24.57 -19.55 15.21
N ALA B 43 23.46 -18.90 14.86
CA ALA B 43 23.38 -17.44 14.83
C ALA B 43 23.05 -16.90 16.23
N HIS B 44 23.25 -15.59 16.44
CA HIS B 44 22.82 -14.86 17.63
C HIS B 44 21.44 -14.32 17.23
N VAL B 45 20.41 -14.52 18.08
CA VAL B 45 19.05 -14.03 17.84
C VAL B 45 18.52 -13.14 18.98
N VAL B 46 17.69 -12.15 18.60
CA VAL B 46 16.91 -11.28 19.48
C VAL B 46 15.51 -11.34 18.94
N LEU B 47 14.58 -11.83 19.77
CA LEU B 47 13.21 -12.05 19.36
C LEU B 47 12.25 -11.10 20.02
N THR B 48 11.16 -10.80 19.32
CA THR B 48 10.09 -9.95 19.85
C THR B 48 8.72 -10.45 19.41
N ALA B 49 7.73 -10.12 20.25
CA ALA B 49 6.31 -10.43 20.15
C ALA B 49 5.73 -9.82 21.44
N ARG B 50 4.40 -9.78 21.58
CA ARG B 50 3.77 -9.23 22.79
C ARG B 50 3.91 -10.15 24.00
N SER B 51 3.79 -11.48 23.78
CA SER B 51 3.86 -12.49 24.84
C SER B 51 5.26 -12.77 25.42
N GLU B 52 5.50 -12.26 26.64
CA GLU B 52 6.73 -12.47 27.40
C GLU B 52 6.90 -13.97 27.65
N GLU B 53 5.83 -14.65 28.09
CA GLU B 53 5.82 -16.10 28.36
C GLU B 53 6.14 -16.90 27.09
N GLY B 54 5.49 -16.53 25.97
CA GLY B 54 5.68 -17.17 24.68
C GLY B 54 7.11 -17.03 24.20
N LEU B 55 7.68 -15.83 24.36
CA LEU B 55 9.06 -15.58 23.97
C LEU B 55 10.05 -16.32 24.87
N GLN B 56 9.75 -16.45 26.19
CA GLN B 56 10.63 -17.19 27.13
C GLN B 56 10.79 -18.64 26.66
N LYS B 57 9.66 -19.29 26.22
CA LYS B 57 9.68 -20.68 25.73
C LYS B 57 10.53 -20.82 24.49
N VAL B 58 10.34 -19.94 23.48
CA VAL B 58 11.10 -19.96 22.22
C VAL B 58 12.61 -19.72 22.50
N VAL B 59 12.93 -18.74 23.35
CA VAL B 59 14.32 -18.45 23.73
C VAL B 59 15.04 -19.70 24.33
N SER B 60 14.40 -20.40 25.29
CA SER B 60 14.97 -21.61 25.92
C SER B 60 15.20 -22.69 24.87
N ARG B 61 14.22 -22.90 23.98
CA ARG B 61 14.32 -23.89 22.91
C ARG B 61 15.45 -23.50 21.94
N CYS B 62 15.59 -22.18 21.64
CA CYS B 62 16.65 -21.66 20.78
C CYS B 62 18.03 -22.02 21.31
N LEU B 63 18.24 -21.83 22.63
CA LEU B 63 19.47 -22.14 23.37
C LEU B 63 19.76 -23.66 23.28
N GLU B 64 18.73 -24.50 23.48
CA GLU B 64 18.84 -25.97 23.36
C GLU B 64 19.20 -26.36 21.93
N LEU B 65 18.73 -25.58 20.95
CA LEU B 65 18.98 -25.89 19.53
C LEU B 65 20.37 -25.49 19.04
N GLY B 66 21.13 -24.77 19.84
CA GLY B 66 22.48 -24.39 19.42
C GLY B 66 22.72 -22.94 19.03
N ALA B 67 21.80 -22.02 19.41
CA ALA B 67 21.97 -20.58 19.14
C ALA B 67 23.23 -20.08 19.86
N ALA B 68 23.99 -19.15 19.23
CA ALA B 68 25.21 -18.57 19.82
C ALA B 68 24.82 -17.77 21.07
N SER B 69 23.64 -17.15 21.03
CA SER B 69 23.00 -16.43 22.10
C SER B 69 21.54 -16.26 21.69
N ALA B 70 20.65 -16.14 22.67
CA ALA B 70 19.23 -15.94 22.39
C ALA B 70 18.65 -15.07 23.48
N HIS B 71 17.97 -13.99 23.06
CA HIS B 71 17.34 -13.03 23.96
C HIS B 71 15.98 -12.62 23.41
N TYR B 72 15.12 -12.06 24.27
CA TYR B 72 13.85 -11.53 23.82
C TYR B 72 13.60 -10.23 24.48
N ILE B 73 12.79 -9.39 23.84
CA ILE B 73 12.27 -8.14 24.39
C ILE B 73 10.78 -8.14 23.99
N ALA B 74 9.86 -8.19 24.97
CA ALA B 74 8.41 -8.17 24.70
C ALA B 74 7.88 -6.74 24.60
N GLY B 75 6.87 -6.56 23.77
CA GLY B 75 6.23 -5.27 23.57
C GLY B 75 5.28 -5.34 22.40
N THR B 76 4.52 -4.25 22.19
CA THR B 76 3.57 -4.13 21.09
C THR B 76 4.10 -3.25 19.95
N MET B 77 3.92 -3.72 18.71
CA MET B 77 4.36 -2.98 17.53
C MET B 77 3.33 -1.92 17.07
N GLU B 78 2.31 -1.63 17.92
CA GLU B 78 1.34 -0.56 17.71
C GLU B 78 2.01 0.73 18.20
N ASP B 79 2.95 0.57 19.16
CA ASP B 79 3.77 1.63 19.73
C ASP B 79 5.07 1.80 18.88
N MET B 80 5.19 2.95 18.19
CA MET B 80 6.35 3.25 17.35
C MET B 80 7.62 3.50 18.20
N THR B 81 7.45 3.91 19.48
CA THR B 81 8.57 4.16 20.39
C THR B 81 9.18 2.83 20.75
N PHE B 82 8.33 1.82 21.07
CA PHE B 82 8.81 0.47 21.36
C PHE B 82 9.47 -0.09 20.11
N ALA B 83 8.87 0.09 18.92
CA ALA B 83 9.44 -0.45 17.68
C ALA B 83 10.90 0.01 17.49
N GLU B 84 11.15 1.31 17.68
CA GLU B 84 12.47 1.94 17.54
C GLU B 84 13.44 1.54 18.65
N GLN B 85 13.03 1.69 19.92
CA GLN B 85 13.87 1.34 21.09
C GLN B 85 14.25 -0.14 21.10
N PHE B 86 13.38 -1.01 20.57
CA PHE B 86 13.64 -2.45 20.49
C PHE B 86 14.88 -2.68 19.62
N ILE B 87 14.94 -2.00 18.47
CA ILE B 87 16.06 -2.09 17.53
C ILE B 87 17.37 -1.67 18.21
N VAL B 88 17.34 -0.54 18.94
CA VAL B 88 18.49 -0.03 19.68
C VAL B 88 18.95 -1.06 20.75
N LYS B 89 18.02 -1.55 21.59
CA LYS B 89 18.31 -2.56 22.63
C LYS B 89 18.88 -3.86 22.04
N ALA B 90 18.20 -4.41 20.99
CA ALA B 90 18.62 -5.62 20.27
C ALA B 90 20.06 -5.46 19.77
N GLY B 91 20.36 -4.29 19.21
CA GLY B 91 21.70 -3.96 18.73
C GLY B 91 22.73 -4.01 19.84
N LYS B 92 22.42 -3.44 21.01
CA LYS B 92 23.30 -3.45 22.20
C LYS B 92 23.56 -4.88 22.67
N LEU B 93 22.51 -5.71 22.68
CA LEU B 93 22.56 -7.10 23.11
C LEU B 93 23.56 -7.94 22.31
N MET B 94 23.55 -7.82 20.98
CA MET B 94 24.42 -8.58 20.10
C MET B 94 25.71 -7.87 19.67
N GLY B 95 25.80 -6.57 19.88
CA GLY B 95 26.95 -5.77 19.46
C GLY B 95 26.91 -5.52 17.96
N GLY B 96 25.72 -5.33 17.40
CA GLY B 96 25.52 -5.12 15.98
C GLY B 96 24.33 -5.87 15.42
N LEU B 97 24.18 -5.84 14.08
CA LEU B 97 23.07 -6.47 13.40
C LEU B 97 23.44 -6.77 11.95
N ASP B 98 23.17 -8.01 11.52
CA ASP B 98 23.42 -8.51 10.19
C ASP B 98 22.14 -8.69 9.40
N MET B 99 21.09 -9.16 10.06
CA MET B 99 19.84 -9.45 9.38
C MET B 99 18.65 -9.07 10.23
N LEU B 100 17.72 -8.36 9.62
CA LEU B 100 16.50 -7.90 10.27
C LEU B 100 15.28 -8.56 9.59
N ILE B 101 14.56 -9.40 10.35
CA ILE B 101 13.38 -10.10 9.83
C ILE B 101 12.09 -9.46 10.36
N LEU B 102 11.36 -8.77 9.46
CA LEU B 102 10.11 -8.05 9.77
C LEU B 102 8.93 -8.93 9.38
N ASN B 103 8.41 -9.60 10.39
CA ASN B 103 7.45 -10.68 10.27
C ASN B 103 6.08 -10.47 10.96
N HIS B 104 5.99 -9.64 11.99
CA HIS B 104 4.72 -9.45 12.72
C HIS B 104 3.58 -8.79 11.92
N ILE B 105 2.36 -9.16 12.28
CA ILE B 105 1.11 -8.60 11.79
C ILE B 105 0.15 -8.48 12.97
N THR B 106 -0.89 -7.69 12.80
CA THR B 106 -1.97 -7.54 13.78
C THR B 106 -2.91 -8.77 13.62
N GLN B 107 -3.84 -9.00 14.57
CA GLN B 107 -4.82 -10.10 14.46
C GLN B 107 -5.67 -9.79 13.24
N THR B 108 -5.82 -10.77 12.36
CA THR B 108 -6.57 -10.63 11.11
C THR B 108 -7.56 -11.73 10.87
N SER B 109 -8.83 -11.34 10.83
CA SER B 109 -9.97 -12.21 10.58
C SER B 109 -10.51 -11.88 9.19
N LEU B 110 -11.20 -12.84 8.58
CA LEU B 110 -11.79 -12.61 7.27
C LEU B 110 -13.23 -12.16 7.40
N SER B 111 -13.53 -10.98 6.85
CA SER B 111 -14.89 -10.44 6.80
C SER B 111 -14.96 -9.46 5.64
N LEU B 112 -16.16 -9.31 5.03
CA LEU B 112 -16.40 -8.30 4.00
C LEU B 112 -16.17 -6.96 4.71
N PHE B 113 -15.48 -6.02 4.05
CA PHE B 113 -15.07 -4.79 4.73
C PHE B 113 -16.14 -4.07 5.51
N HIS B 114 -15.85 -3.79 6.79
CA HIS B 114 -16.79 -3.11 7.68
C HIS B 114 -16.14 -2.44 8.88
N ASP B 115 -14.81 -2.29 8.86
CA ASP B 115 -14.10 -1.68 9.98
C ASP B 115 -14.19 -0.17 10.00
N ASP B 116 -14.07 0.42 11.21
CA ASP B 116 -14.04 1.87 11.36
C ASP B 116 -12.59 2.32 11.10
N ILE B 117 -12.31 3.63 11.18
CA ILE B 117 -10.98 4.16 10.92
C ILE B 117 -9.92 3.75 11.93
N HIS B 118 -10.31 3.63 13.20
CA HIS B 118 -9.43 3.26 14.30
C HIS B 118 -8.85 1.88 14.08
N SER B 119 -9.65 0.97 13.54
CA SER B 119 -9.27 -0.39 13.21
C SER B 119 -8.30 -0.43 11.99
N VAL B 120 -8.62 0.31 10.91
CA VAL B 120 -7.76 0.43 9.70
C VAL B 120 -6.43 1.12 10.02
N ARG B 121 -6.47 2.18 10.87
CA ARG B 121 -5.25 2.86 11.30
C ARG B 121 -4.34 1.91 12.07
N ARG B 122 -4.91 1.09 12.94
CA ARG B 122 -4.17 0.09 13.74
C ARG B 122 -3.47 -0.93 12.83
N VAL B 123 -4.15 -1.42 11.78
CA VAL B 123 -3.58 -2.36 10.81
C VAL B 123 -2.38 -1.67 10.09
N MET B 124 -2.58 -0.41 9.63
CA MET B 124 -1.56 0.34 8.91
C MET B 124 -0.34 0.64 9.78
N GLU B 125 -0.55 0.87 11.08
CA GLU B 125 0.54 1.16 12.01
C GLU B 125 1.38 -0.04 12.35
N VAL B 126 0.73 -1.18 12.66
CA VAL B 126 1.40 -2.44 13.02
C VAL B 126 2.04 -3.11 11.80
N ASN B 127 1.22 -3.40 10.78
CA ASN B 127 1.68 -4.11 9.61
C ASN B 127 2.61 -3.31 8.72
N PHE B 128 2.49 -1.97 8.75
CA PHE B 128 3.30 -1.11 7.90
C PHE B 128 4.24 -0.12 8.58
N LEU B 129 3.68 0.89 9.27
CA LEU B 129 4.46 1.95 9.92
C LEU B 129 5.59 1.40 10.81
N SER B 130 5.32 0.38 11.64
CA SER B 130 6.37 -0.22 12.50
C SER B 130 7.54 -0.84 11.70
N TYR B 131 7.29 -1.35 10.48
CA TYR B 131 8.35 -1.93 9.62
C TYR B 131 9.28 -0.82 9.13
N VAL B 132 8.68 0.34 8.79
CA VAL B 132 9.35 1.56 8.34
C VAL B 132 10.18 2.12 9.53
N VAL B 133 9.59 2.17 10.73
CA VAL B 133 10.30 2.66 11.91
C VAL B 133 11.56 1.80 12.20
N MET B 134 11.40 0.47 12.27
CA MET B 134 12.45 -0.49 12.54
C MET B 134 13.51 -0.54 11.46
N SER B 135 13.10 -0.63 10.16
CA SER B 135 14.11 -0.61 9.07
C SER B 135 14.94 0.67 9.10
N THR B 136 14.29 1.83 9.45
CA THR B 136 14.96 3.13 9.58
C THR B 136 15.91 3.15 10.80
N ALA B 137 15.44 2.67 11.97
CA ALA B 137 16.28 2.60 13.18
C ALA B 137 17.54 1.67 13.02
N ALA B 138 17.37 0.53 12.30
CA ALA B 138 18.40 -0.50 12.06
C ALA B 138 19.42 -0.17 10.97
N LEU B 139 19.08 0.77 10.08
CA LEU B 139 19.92 1.12 8.94
C LEU B 139 21.38 1.46 9.28
N PRO B 140 21.71 2.30 10.30
CA PRO B 140 23.13 2.51 10.60
C PRO B 140 23.88 1.18 10.87
N MET B 141 23.27 0.25 11.66
CA MET B 141 23.89 -1.05 11.94
C MET B 141 23.98 -1.94 10.70
N LEU B 142 22.94 -1.93 9.84
CA LEU B 142 22.95 -2.76 8.62
C LEU B 142 23.95 -2.23 7.60
N LYS B 143 24.12 -0.89 7.54
CA LYS B 143 25.14 -0.25 6.69
C LYS B 143 26.55 -0.65 7.14
N GLN B 144 26.78 -0.74 8.46
CA GLN B 144 28.07 -1.14 9.03
C GLN B 144 28.45 -2.60 8.68
N SER B 145 27.47 -3.52 8.68
CA SER B 145 27.69 -4.95 8.39
C SER B 145 27.39 -5.36 6.94
N ASN B 146 26.87 -4.44 6.08
CA ASN B 146 26.43 -4.81 4.70
C ASN B 146 25.30 -5.86 4.87
N GLY B 147 24.42 -5.58 5.84
CA GLY B 147 23.35 -6.47 6.27
C GLY B 147 22.19 -6.62 5.32
N SER B 148 21.12 -7.24 5.85
CA SER B 148 19.92 -7.56 5.09
C SER B 148 18.63 -7.35 5.84
N ILE B 149 17.55 -7.12 5.08
CA ILE B 149 16.20 -6.96 5.59
C ILE B 149 15.25 -7.91 4.86
N ALA B 150 14.53 -8.72 5.62
CA ALA B 150 13.49 -9.58 5.09
C ALA B 150 12.14 -8.92 5.50
N VAL B 151 11.33 -8.59 4.49
CA VAL B 151 10.00 -7.99 4.71
C VAL B 151 9.02 -9.06 4.35
N ILE B 152 8.33 -9.57 5.37
CA ILE B 152 7.36 -10.63 5.16
C ILE B 152 6.04 -10.09 4.59
N SER B 153 5.63 -10.63 3.45
CA SER B 153 4.38 -10.26 2.77
C SER B 153 3.61 -11.54 2.40
N SER B 154 2.63 -11.43 1.52
CA SER B 154 1.77 -12.55 1.10
C SER B 154 1.33 -12.37 -0.33
N LEU B 155 0.53 -13.35 -0.84
CA LEU B 155 -0.07 -13.25 -2.19
C LEU B 155 -0.98 -12.00 -2.24
N ALA B 156 -1.66 -11.72 -1.11
CA ALA B 156 -2.55 -10.56 -0.93
C ALA B 156 -1.82 -9.20 -0.89
N GLY B 157 -0.48 -9.22 -1.03
CA GLY B 157 0.33 -8.02 -1.14
C GLY B 157 0.79 -7.79 -2.57
N LYS B 158 0.30 -8.65 -3.50
CA LYS B 158 0.67 -8.62 -4.93
C LYS B 158 -0.55 -8.72 -5.86
N MET B 159 -1.69 -9.11 -5.30
CA MET B 159 -2.98 -9.25 -5.96
C MET B 159 -4.02 -9.06 -4.87
N THR B 160 -5.28 -8.96 -5.26
CA THR B 160 -6.37 -8.85 -4.29
C THR B 160 -7.29 -10.05 -4.27
N GLN B 161 -7.89 -10.26 -3.12
CA GLN B 161 -8.87 -11.30 -2.83
C GLN B 161 -9.79 -10.80 -1.73
N PRO B 162 -11.07 -11.21 -1.74
CA PRO B 162 -12.00 -10.67 -0.74
C PRO B 162 -11.69 -10.99 0.70
N MET B 163 -12.23 -10.13 1.58
CA MET B 163 -12.30 -10.28 3.05
C MET B 163 -11.09 -9.87 3.87
N ILE B 164 -10.12 -9.21 3.23
CA ILE B 164 -8.88 -8.78 3.89
C ILE B 164 -8.40 -7.40 3.36
N ALA B 165 -9.35 -6.50 3.01
CA ALA B 165 -9.02 -5.15 2.50
C ALA B 165 -7.93 -4.40 3.30
N PRO B 166 -8.00 -4.25 4.66
CA PRO B 166 -6.91 -3.55 5.38
C PRO B 166 -5.55 -4.27 5.33
N TYR B 167 -5.55 -5.60 5.56
CA TYR B 167 -4.36 -6.44 5.53
C TYR B 167 -3.65 -6.26 4.17
N SER B 168 -4.41 -6.40 3.08
CA SER B 168 -3.97 -6.25 1.70
C SER B 168 -3.41 -4.84 1.44
N ALA B 169 -4.07 -3.81 1.97
CA ALA B 169 -3.58 -2.42 1.84
C ALA B 169 -2.22 -2.26 2.51
N SER B 170 -2.05 -2.87 3.70
CA SER B 170 -0.81 -2.80 4.48
C SER B 170 0.34 -3.51 3.76
N LYS B 171 0.07 -4.68 3.13
CA LYS B 171 1.09 -5.46 2.39
C LYS B 171 1.47 -4.82 1.06
N PHE B 172 0.50 -4.20 0.38
CA PHE B 172 0.77 -3.44 -0.85
C PHE B 172 1.67 -2.24 -0.49
N ALA B 173 1.35 -1.53 0.61
CA ALA B 173 2.15 -0.38 1.06
C ALA B 173 3.61 -0.79 1.31
N LEU B 174 3.84 -2.02 1.83
CA LEU B 174 5.20 -2.55 2.06
C LEU B 174 5.94 -2.72 0.72
N ASP B 175 5.25 -3.24 -0.32
CA ASP B 175 5.88 -3.36 -1.63
C ASP B 175 6.25 -1.98 -2.15
N GLY B 176 5.31 -1.04 -2.08
CA GLY B 176 5.51 0.33 -2.52
C GLY B 176 6.69 1.00 -1.84
N PHE B 177 6.73 0.97 -0.50
CA PHE B 177 7.82 1.60 0.25
C PHE B 177 9.18 0.92 0.02
N PHE B 178 9.28 -0.38 0.33
CA PHE B 178 10.54 -1.12 0.31
C PHE B 178 11.20 -1.31 -1.02
N SER B 179 10.38 -1.42 -2.08
CA SER B 179 10.91 -1.53 -3.44
C SER B 179 11.57 -0.20 -3.82
N THR B 180 11.02 0.93 -3.34
CA THR B 180 11.63 2.24 -3.59
C THR B 180 12.95 2.35 -2.83
N ILE B 181 12.96 1.96 -1.53
CA ILE B 181 14.18 1.95 -0.68
C ILE B 181 15.28 1.10 -1.34
N ARG B 182 14.91 -0.10 -1.84
CA ARG B 182 15.83 -1.05 -2.51
C ARG B 182 16.56 -0.39 -3.68
N THR B 183 15.79 0.30 -4.55
CA THR B 183 16.33 0.99 -5.74
C THR B 183 17.19 2.18 -5.30
N GLU B 184 16.80 2.88 -4.21
CA GLU B 184 17.58 4.02 -3.72
C GLU B 184 18.93 3.58 -3.15
N LEU B 185 18.93 2.43 -2.45
CA LEU B 185 20.10 1.78 -1.84
C LEU B 185 21.04 1.35 -2.98
N TYR B 186 20.46 0.84 -4.07
CA TYR B 186 21.19 0.40 -5.25
C TYR B 186 21.89 1.56 -5.98
N ILE B 187 21.14 2.61 -6.35
CA ILE B 187 21.66 3.78 -7.07
C ILE B 187 22.67 4.60 -6.27
N THR B 188 22.68 4.47 -4.91
CA THR B 188 23.62 5.16 -4.04
C THR B 188 24.76 4.26 -3.59
N LYS B 189 24.82 3.04 -4.18
CA LYS B 189 25.84 2.02 -3.90
C LYS B 189 25.92 1.57 -2.43
N VAL B 190 24.77 1.49 -1.76
CA VAL B 190 24.72 1.02 -0.38
C VAL B 190 24.48 -0.51 -0.44
N ASN B 191 25.41 -1.28 0.11
CA ASN B 191 25.33 -2.73 0.10
C ASN B 191 24.49 -3.29 1.27
N VAL B 192 23.21 -2.90 1.29
CA VAL B 192 22.18 -3.39 2.22
C VAL B 192 21.08 -3.94 1.33
N SER B 193 20.79 -5.23 1.44
CA SER B 193 19.79 -5.83 0.57
C SER B 193 18.42 -5.85 1.21
N ILE B 194 17.36 -5.91 0.38
CA ILE B 194 15.97 -5.96 0.84
C ILE B 194 15.23 -7.06 0.11
N THR B 195 14.76 -8.05 0.89
CA THR B 195 14.03 -9.21 0.34
C THR B 195 12.56 -9.16 0.74
N LEU B 196 11.69 -9.00 -0.27
CA LEU B 196 10.26 -9.05 -0.07
C LEU B 196 9.86 -10.52 -0.26
N CYS B 197 9.35 -11.17 0.82
CA CYS B 197 8.94 -12.56 0.82
C CYS B 197 7.44 -12.67 0.65
N VAL B 198 7.01 -13.01 -0.58
CA VAL B 198 5.62 -13.14 -1.00
C VAL B 198 5.20 -14.59 -0.73
N LEU B 199 4.51 -14.79 0.39
CA LEU B 199 4.12 -16.11 0.85
C LEU B 199 2.68 -16.49 0.52
N GLY B 200 2.49 -17.75 0.13
CA GLY B 200 1.15 -18.30 -0.08
C GLY B 200 0.61 -18.76 1.26
N LEU B 201 -0.47 -19.56 1.26
CA LEU B 201 -1.05 -20.05 2.51
C LEU B 201 -0.07 -20.98 3.21
N ILE B 202 0.20 -20.70 4.51
CA ILE B 202 1.10 -21.47 5.38
C ILE B 202 0.27 -22.14 6.50
N ASP B 203 0.61 -23.38 6.82
CA ASP B 203 -0.08 -24.21 7.81
C ASP B 203 0.17 -23.78 9.27
N THR B 204 0.00 -22.50 9.57
CA THR B 204 0.19 -22.06 10.96
C THR B 204 -1.15 -22.23 11.64
N GLU B 205 -1.15 -22.32 12.99
CA GLU B 205 -2.34 -22.42 13.85
C GLU B 205 -3.30 -21.25 13.54
N THR B 206 -2.76 -19.99 13.45
CA THR B 206 -3.54 -18.79 13.17
C THR B 206 -4.22 -18.84 11.81
N ALA B 207 -3.43 -19.06 10.74
CA ALA B 207 -3.95 -19.05 9.37
C ALA B 207 -4.98 -20.13 9.11
N MET B 208 -4.78 -21.33 9.68
CA MET B 208 -5.69 -22.45 9.50
C MET B 208 -7.03 -22.21 10.19
N LYS B 209 -7.00 -21.64 11.40
CA LYS B 209 -8.17 -21.28 12.21
C LYS B 209 -9.00 -20.21 11.49
N GLU B 210 -8.32 -19.12 11.04
CA GLU B 210 -8.98 -17.99 10.39
C GLU B 210 -9.71 -18.31 9.10
N ILE B 211 -9.20 -19.28 8.32
CA ILE B 211 -9.85 -19.65 7.06
C ILE B 211 -10.94 -20.72 7.21
N SER B 212 -11.08 -21.31 8.42
CA SER B 212 -12.03 -22.39 8.69
C SER B 212 -13.46 -22.00 8.33
N GLY B 213 -14.00 -22.70 7.33
CA GLY B 213 -15.33 -22.49 6.81
C GLY B 213 -15.44 -21.40 5.77
N ILE B 214 -14.32 -20.67 5.52
CA ILE B 214 -14.26 -19.52 4.59
C ILE B 214 -13.51 -19.86 3.30
N ILE B 215 -12.29 -20.39 3.42
CA ILE B 215 -11.44 -20.75 2.28
C ILE B 215 -10.99 -22.19 2.42
N ASN B 216 -11.05 -22.94 1.33
CA ASN B 216 -10.57 -24.30 1.22
C ASN B 216 -9.39 -24.27 0.24
N ALA B 217 -8.16 -24.27 0.75
CA ALA B 217 -6.97 -24.23 -0.09
C ALA B 217 -5.84 -25.04 0.53
N GLN B 218 -4.85 -25.38 -0.30
CA GLN B 218 -3.67 -26.11 0.09
C GLN B 218 -2.72 -25.18 0.82
N ALA B 219 -2.29 -25.58 2.01
CA ALA B 219 -1.33 -24.84 2.82
C ALA B 219 0.08 -25.41 2.60
N SER B 220 1.12 -24.59 2.73
CA SER B 220 2.52 -25.03 2.61
C SER B 220 3.10 -25.19 4.03
N PRO B 221 4.10 -26.08 4.26
CA PRO B 221 4.60 -26.27 5.64
C PRO B 221 5.40 -25.07 6.17
N LYS B 222 5.16 -24.75 7.45
CA LYS B 222 5.77 -23.63 8.17
C LYS B 222 7.29 -23.69 8.32
N GLU B 223 7.84 -24.90 8.44
CA GLU B 223 9.28 -24.95 8.63
C GLU B 223 10.11 -24.80 7.38
N GLU B 224 9.55 -25.21 6.22
CA GLU B 224 10.18 -25.03 4.93
C GLU B 224 10.03 -23.53 4.54
N CYS B 225 8.88 -22.95 4.86
CA CYS B 225 8.58 -21.54 4.58
C CYS B 225 9.62 -20.68 5.24
N ALA B 226 9.82 -20.94 6.52
CA ALA B 226 10.81 -20.27 7.36
C ALA B 226 12.20 -20.34 6.74
N LEU B 227 12.66 -21.55 6.32
CA LEU B 227 13.98 -21.75 5.73
C LEU B 227 14.10 -21.00 4.42
N GLU B 228 13.05 -21.03 3.59
CA GLU B 228 13.05 -20.36 2.28
C GLU B 228 13.23 -18.85 2.41
N ILE B 229 12.66 -18.25 3.48
CA ILE B 229 12.80 -16.83 3.81
C ILE B 229 14.26 -16.55 4.19
N ILE B 230 14.85 -17.39 5.07
CA ILE B 230 16.23 -17.23 5.52
C ILE B 230 17.23 -17.31 4.34
N LYS B 231 17.08 -18.35 3.51
CA LYS B 231 17.90 -18.62 2.34
C LYS B 231 17.90 -17.47 1.34
N GLY B 232 16.73 -16.98 0.97
CA GLY B 232 16.57 -15.88 0.00
C GLY B 232 17.10 -14.56 0.50
N THR B 233 16.90 -14.29 1.79
CA THR B 233 17.39 -13.08 2.45
C THR B 233 18.94 -13.13 2.47
N ALA B 234 19.53 -14.25 2.96
CA ALA B 234 21.00 -14.42 2.99
C ALA B 234 21.58 -14.29 1.58
N LEU B 235 20.88 -14.82 0.55
CA LEU B 235 21.30 -14.74 -0.85
C LEU B 235 21.09 -13.37 -1.47
N ARG B 236 20.43 -12.43 -0.75
CA ARG B 236 20.19 -11.02 -1.16
C ARG B 236 19.31 -10.90 -2.42
N LYS B 237 18.34 -11.81 -2.54
CA LYS B 237 17.38 -11.80 -3.65
C LYS B 237 16.39 -10.64 -3.39
N SER B 238 15.91 -9.97 -4.42
CA SER B 238 14.99 -8.85 -4.23
C SER B 238 13.61 -9.36 -3.76
N GLU B 239 13.19 -10.48 -4.32
CA GLU B 239 11.92 -11.12 -3.99
C GLU B 239 12.01 -12.62 -3.90
N VAL B 240 11.27 -13.19 -2.94
CA VAL B 240 11.14 -14.63 -2.72
C VAL B 240 9.64 -14.93 -2.79
N TYR B 241 9.25 -15.87 -3.67
CA TYR B 241 7.90 -16.37 -3.78
C TYR B 241 7.89 -17.77 -3.16
N TYR B 242 6.97 -18.01 -2.23
CA TYR B 242 6.85 -19.29 -1.59
C TYR B 242 5.39 -19.69 -1.54
N ASP B 243 5.01 -20.64 -2.43
CA ASP B 243 3.65 -21.16 -2.58
C ASP B 243 3.65 -22.57 -3.22
N LYS B 244 2.55 -23.35 -3.09
CA LYS B 244 2.45 -24.68 -3.69
C LYS B 244 2.53 -24.65 -5.21
N SER B 245 1.88 -23.68 -5.85
CA SER B 245 1.87 -23.61 -7.31
C SER B 245 3.08 -22.93 -7.94
N PRO B 246 3.68 -23.54 -8.99
CA PRO B 246 4.77 -22.87 -9.72
C PRO B 246 4.28 -21.70 -10.59
N LEU B 247 2.96 -21.64 -10.84
CA LEU B 247 2.32 -20.57 -11.62
C LEU B 247 2.35 -19.25 -10.83
N THR B 248 2.33 -19.33 -9.48
CA THR B 248 2.35 -18.17 -8.57
C THR B 248 3.43 -17.09 -8.88
N PRO B 249 4.77 -17.40 -8.84
CA PRO B 249 5.76 -16.34 -9.19
C PRO B 249 5.69 -15.89 -10.65
N ILE B 250 5.20 -16.75 -11.55
CA ILE B 250 5.06 -16.43 -12.97
C ILE B 250 3.95 -15.38 -13.14
N LEU B 251 2.77 -15.65 -12.52
CA LEU B 251 1.59 -14.80 -12.60
C LEU B 251 1.61 -13.55 -11.70
N LEU B 252 2.37 -13.55 -10.60
CA LEU B 252 2.44 -12.40 -9.68
C LEU B 252 3.71 -11.58 -9.85
N GLY B 253 4.75 -12.20 -10.44
CA GLY B 253 6.06 -11.59 -10.69
C GLY B 253 6.08 -10.25 -11.41
N ASN B 254 5.09 -10.00 -12.28
CA ASN B 254 4.90 -8.73 -13.02
C ASN B 254 6.13 -8.30 -13.85
N PRO B 255 6.45 -9.01 -14.97
CA PRO B 255 7.61 -8.62 -15.79
C PRO B 255 7.52 -7.20 -16.36
N GLY B 256 6.29 -6.75 -16.64
CA GLY B 256 6.01 -5.41 -17.14
C GLY B 256 6.45 -4.29 -16.23
N ARG B 257 6.18 -4.41 -14.90
CA ARG B 257 6.60 -3.42 -13.89
C ARG B 257 8.13 -3.36 -13.88
N LYS B 258 8.78 -4.55 -13.95
CA LYS B 258 10.25 -4.68 -13.99
C LYS B 258 10.84 -3.94 -15.18
N ILE B 259 10.22 -4.08 -16.38
CA ILE B 259 10.65 -3.39 -17.61
C ILE B 259 10.56 -1.87 -17.37
N MET B 260 9.39 -1.38 -16.90
CA MET B 260 9.16 0.03 -16.58
C MET B 260 10.15 0.58 -15.55
N GLU B 261 10.40 -0.17 -14.45
CA GLU B 261 11.33 0.28 -13.39
C GLU B 261 12.75 0.44 -13.90
N PHE B 262 13.18 -0.45 -14.81
CA PHE B 262 14.48 -0.42 -15.48
C PHE B 262 14.65 0.87 -16.32
N PHE B 263 13.67 1.16 -17.19
CA PHE B 263 13.66 2.34 -18.06
C PHE B 263 13.45 3.67 -17.32
N SER B 264 12.86 3.63 -16.11
CA SER B 264 12.54 4.80 -15.28
C SER B 264 13.75 5.59 -14.80
N LEU B 265 14.87 4.92 -14.55
CA LEU B 265 16.08 5.55 -14.05
C LEU B 265 16.73 6.55 -15.01
N ARG B 266 16.48 6.40 -16.32
CA ARG B 266 16.99 7.23 -17.41
C ARG B 266 16.43 8.67 -17.42
N TYR B 267 15.27 8.89 -16.77
CA TYR B 267 14.61 10.19 -16.66
C TYR B 267 15.22 11.06 -15.57
N TYR B 268 16.01 10.46 -14.69
CA TYR B 268 16.58 11.14 -13.53
C TYR B 268 17.94 11.81 -13.73
N ASN B 269 18.19 12.88 -12.96
CA ASN B 269 19.45 13.59 -12.95
C ASN B 269 20.38 12.84 -11.98
N LYS B 270 21.49 12.27 -12.51
CA LYS B 270 22.50 11.49 -11.78
C LYS B 270 23.04 12.18 -10.53
N ASP B 271 23.18 13.51 -10.58
CA ASP B 271 23.69 14.37 -9.50
C ASP B 271 22.83 14.36 -8.23
N MET B 272 21.55 13.91 -8.32
CA MET B 272 20.62 13.83 -7.18
C MET B 272 20.97 12.67 -6.23
N PHE B 273 21.85 11.76 -6.68
CA PHE B 273 22.27 10.57 -5.92
C PHE B 273 23.76 10.63 -5.60
C15 SFF C . 4.13 13.61 -7.18
C16 SFF C . 4.52 15.05 -6.74
C17 SFF C . 3.27 15.92 -6.45
C18 SFF C . 2.19 15.87 -7.56
C19 SFF C . 1.84 14.42 -7.96
C14 SFF C . 3.12 13.65 -8.36
N13 SFF C . 2.81 12.30 -8.83
C8 SFF C . 3.47 11.74 -9.85
O7 SFF C . 4.49 12.41 -10.50
C3 SFF C . 5.34 11.87 -11.46
C2 SFF C . 6.73 12.55 -11.38
C1 SFF C . 7.39 12.24 -10.03
C6 SFF C . 7.61 10.73 -9.90
C5 SFF C . 6.35 9.88 -10.20
C4 SFF C . 5.55 10.33 -11.44
S10 SFF C . 3.86 9.64 -11.40
O11 SFF C . 3.28 9.96 -12.75
O12 SFF C . 4.06 8.19 -11.11
N9 SFF C . 3.09 10.44 -10.21
S SO4 D . -2.57 24.54 -11.70
O1 SO4 D . -2.04 23.99 -12.89
O2 SO4 D . -2.30 25.97 -11.62
O3 SO4 D . -1.92 23.96 -10.54
O4 SO4 D . -4.03 24.32 -11.68
S SO4 E . -4.14 30.22 -10.21
O1 SO4 E . -4.00 29.62 -11.53
O2 SO4 E . -2.96 31.06 -9.93
O3 SO4 E . -4.21 29.17 -9.20
O4 SO4 E . -5.34 31.05 -10.17
PA NDP F . -2.22 19.59 -7.07
O1A NDP F . -2.31 20.30 -8.37
O2A NDP F . -1.17 19.94 -6.01
O5B NDP F . -3.59 19.69 -6.21
C5B NDP F . -3.80 18.83 -5.07
C4B NDP F . -5.01 19.32 -4.33
O4B NDP F . -5.01 18.81 -2.97
C3B NDP F . -5.13 20.85 -4.21
O3B NDP F . -6.41 21.33 -4.60
C2B NDP F . -4.84 21.12 -2.74
O2B NDP F . -5.60 22.24 -2.26
C1B NDP F . -5.35 19.85 -2.08
N9A NDP F . -4.73 19.59 -0.78
C8A NDP F . -3.39 19.68 -0.46
N7A NDP F . -3.11 19.31 0.76
C5A NDP F . -4.35 18.97 1.30
C6A NDP F . -4.75 18.61 2.60
N6A NDP F . -3.90 18.47 3.62
N1A NDP F . -6.07 18.49 2.84
C2A NDP F . -6.93 18.70 1.84
N3A NDP F . -6.68 19.01 0.57
C4A NDP F . -5.35 19.14 0.36
O3 NDP F . -1.91 18.12 -7.55
PN NDP F . -2.43 17.44 -8.90
O1N NDP F . -1.12 17.42 -9.60
O2N NDP F . -3.65 18.18 -9.47
O5D NDP F . -2.88 15.88 -8.72
C5D NDP F . -4.12 15.46 -8.12
C4D NDP F . -4.06 13.95 -8.09
O4D NDP F . -3.44 13.44 -9.30
C3D NDP F . -3.32 13.30 -6.92
O3D NDP F . -4.08 12.23 -6.34
C2D NDP F . -2.02 12.81 -7.56
O2D NDP F . -1.43 11.71 -6.88
C1D NDP F . -2.51 12.44 -8.95
N1N NDP F . -1.45 12.38 -9.94
C2N NDP F . -0.93 13.60 -10.50
C3N NDP F . 0.07 13.56 -11.40
C7N NDP F . 0.63 14.85 -11.86
O7N NDP F . 1.67 14.76 -12.52
N7N NDP F . 0.09 16.01 -11.49
C4N NDP F . 0.68 12.28 -11.87
C5N NDP F . 0.03 11.10 -11.27
C6N NDP F . -0.95 11.15 -10.39
P2B NDP F . -5.22 23.20 -1.03
O1X NDP F . -5.94 24.48 -1.05
O2X NDP F . -3.66 23.30 -1.12
O3X NDP F . -5.59 22.27 0.09
C15 SFF G . -4.26 -13.80 7.00
C16 SFF G . -4.87 -14.45 8.27
C17 SFF G . -3.87 -14.57 9.47
C18 SFF G . -2.45 -15.07 9.08
C19 SFF G . -1.89 -14.43 7.77
C14 SFF G . -2.92 -14.52 6.63
N13 SFF G . -2.38 -14.06 5.34
C8 SFF G . -2.71 -14.68 4.20
O7 SFF G . -3.63 -15.75 4.20
C3 SFF G . -4.11 -16.41 3.08
C2 SFF G . -5.50 -17.02 3.35
C1 SFF G . -6.54 -15.90 3.62
C6 SFF G . -6.60 -14.95 2.41
C5 SFF G . -5.22 -14.45 1.90
C4 SFF G . -4.16 -15.58 1.76
S10 SFF G . -2.48 -14.89 1.58
O11 SFF G . -1.62 -16.11 1.31
O12 SFF G . -2.52 -13.92 0.43
N9 SFF G . -2.11 -14.21 3.01
S SO4 H . -3.64 -8.22 17.99
O1 SO4 H . -4.04 -7.55 19.22
O2 SO4 H . -2.27 -7.87 17.66
O3 SO4 H . -3.76 -9.67 18.16
O4 SO4 H . -4.50 -7.71 16.93
PA NDP I . 1.06 -15.81 13.57
O1A NDP I . 1.34 -17.28 13.53
O2A NDP I . -0.20 -15.23 14.19
O5B NDP I . 2.22 -15.02 14.36
C5B NDP I . 2.32 -13.59 14.21
C4B NDP I . 3.22 -13.05 15.29
O4B NDP I . 2.98 -11.63 15.48
C3B NDP I . 3.08 -13.69 16.67
O3B NDP I . 4.33 -14.02 17.27
C2B NDP I . 2.32 -12.64 17.48
O2B NDP I . 2.61 -12.82 18.87
C1B NDP I . 2.89 -11.36 16.86
N9A NDP I . 2.10 -10.15 17.05
C8A NDP I . 0.74 -10.02 16.91
N7A NDP I . 0.29 -8.80 17.13
C5A NDP I . 1.43 -8.08 17.45
C6A NDP I . 1.63 -6.75 17.87
N6A NDP I . 0.64 -5.85 18.00
N1A NDP I . 2.89 -6.37 18.18
C2A NDP I . 3.88 -7.27 18.10
N3A NDP I . 3.81 -8.55 17.70
C4A NDP I . 2.56 -8.90 17.40
O3 NDP I . 1.03 -15.49 12.00
PN NDP I . 1.83 -16.31 10.87
O1N NDP I . 0.68 -17.11 10.36
O2N NDP I . 3.08 -16.98 11.48
O5D NDP I . 2.45 -15.38 9.70
C5D NDP I . 3.48 -14.42 10.06
C4D NDP I . 3.79 -13.60 8.85
O4D NDP I . 3.66 -14.42 7.66
C3D NDP I . 2.93 -12.35 8.61
O3D NDP I . 3.69 -11.20 8.25
C2D NDP I . 1.97 -12.79 7.51
O2D NDP I . 1.48 -11.73 6.72
C1D NDP I . 2.87 -13.73 6.71
N1N NDP I . 2.05 -14.65 5.91
C2N NDP I . 1.41 -15.78 6.51
C3N NDP I . 0.63 -16.59 5.77
C7N NDP I . -0.01 -17.82 6.38
O7N NDP I . -0.78 -18.46 5.67
N7N NDP I . 0.25 -18.14 7.65
C4N NDP I . 0.35 -16.31 4.31
C5N NDP I . 1.16 -15.19 3.80
C6N NDP I . 1.92 -14.42 4.54
P2B NDP I . 2.06 -12.00 20.12
O1X NDP I . 2.37 -10.56 20.02
O2X NDP I . 2.75 -12.74 21.29
O3X NDP I . 0.58 -12.34 20.11
#